data_3SYL
#
_entry.id   3SYL
#
_cell.length_a   76.128
_cell.length_b   93.141
_cell.length_c   106.102
_cell.angle_alpha   90.000
_cell.angle_beta   90.000
_cell.angle_gamma   90.000
#
_symmetry.space_group_name_H-M   'P 21 21 21'
#
loop_
_entity.id
_entity.type
_entity.pdbx_description
1 polymer 'Protein CbbX'
2 non-polymer 'SULFATE ION'
3 water water
#
_entity_poly.entity_id   1
_entity_poly.type   'polypeptide(L)'
_entity_poly.pdbx_seq_one_letter_code
;MTDAATAPTSIDLRAEYEGSGAKEVLEELDRELIGLKPVKDRIRETAALLLVERARQKLGLAHETPTLHMSFTGNPGTGK
TTVALKMAGLLHRLGYVRKGHLVSVTRDDLVGQYIGHTAPKTKEVLKRAMGGVLFIDEAYYLYRPDNERDYGQEAIEILL
QVMENNRDDLVVILAGYADRMENFFQSNPGFRSRIAHHIEFPDYSDEELFEIAGHMLDDQNYQMTPEAETALRAYIGLRR
NQPHFANARSIRNALDRARLRQANRLFTASSGPLDARALSTIAEEDIRASRVFKGGLDSERRAAEALAR
;
_entity_poly.pdbx_strand_id   A,B
#
loop_
_chem_comp.id
_chem_comp.type
_chem_comp.name
_chem_comp.formula
SO4 non-polymer 'SULFATE ION' 'O4 S -2'
#
# COMPACT_ATOMS: atom_id res chain seq x y z
N MET A 1 -35.43 53.94 9.87
CA MET A 1 -34.82 52.63 10.11
C MET A 1 -35.88 51.55 10.01
N THR A 2 -35.74 50.66 9.02
CA THR A 2 -36.60 49.48 8.91
C THR A 2 -35.78 48.21 8.73
N ASP A 3 -36.36 47.07 9.09
CA ASP A 3 -35.73 45.78 8.89
C ASP A 3 -36.75 44.82 8.29
N ALA A 4 -36.50 44.36 7.07
CA ALA A 4 -37.43 43.48 6.38
C ALA A 4 -36.77 42.17 6.00
N ALA A 5 -37.46 41.06 6.24
CA ALA A 5 -36.98 39.75 5.79
C ALA A 5 -37.43 39.51 4.36
N THR A 6 -36.53 38.97 3.56
CA THR A 6 -36.82 38.63 2.16
C THR A 6 -36.43 37.17 1.93
N ALA A 7 -37.00 36.29 2.74
CA ALA A 7 -36.64 34.87 2.76
C ALA A 7 -37.92 34.05 2.88
N PRO A 8 -38.01 32.92 2.15
CA PRO A 8 -39.26 32.15 2.16
C PRO A 8 -39.77 31.87 3.57
N THR A 9 -41.08 31.88 3.71
CA THR A 9 -41.73 31.75 5.01
C THR A 9 -41.71 30.30 5.50
N SER A 10 -41.78 29.35 4.56
CA SER A 10 -41.79 27.94 4.85
C SER A 10 -40.80 27.20 3.96
N ILE A 11 -40.49 25.96 4.32
CA ILE A 11 -39.69 25.09 3.46
C ILE A 11 -40.08 23.64 3.69
N ASP A 12 -40.37 22.93 2.60
CA ASP A 12 -40.62 21.50 2.67
C ASP A 12 -39.29 20.76 2.69
N LEU A 13 -39.02 20.08 3.79
CA LEU A 13 -37.76 19.36 3.95
C LEU A 13 -37.63 18.22 2.96
N ARG A 14 -38.70 17.42 2.84
CA ARG A 14 -38.73 16.29 1.92
C ARG A 14 -38.51 16.74 0.48
N ALA A 15 -39.08 17.90 0.14
CA ALA A 15 -38.93 18.50 -1.19
C ALA A 15 -37.49 18.91 -1.48
N GLU A 16 -36.83 19.52 -0.49
CA GLU A 16 -35.42 19.90 -0.59
C GLU A 16 -34.51 18.69 -0.65
N TYR A 17 -34.73 17.77 0.29
CA TYR A 17 -33.99 16.52 0.37
C TYR A 17 -33.91 15.84 -0.98
N GLU A 18 -35.09 15.67 -1.58
CA GLU A 18 -35.25 15.02 -2.87
C GLU A 18 -34.59 15.85 -3.98
N GLY A 19 -34.98 17.12 -4.09
CA GLY A 19 -34.56 17.97 -5.20
C GLY A 19 -33.15 18.51 -5.19
N SER A 20 -32.45 18.36 -4.07
CA SER A 20 -31.09 18.86 -3.97
C SER A 20 -30.08 17.79 -4.35
N GLY A 21 -30.60 16.62 -4.74
CA GLY A 21 -29.77 15.49 -5.09
C GLY A 21 -29.14 14.87 -3.85
N ALA A 22 -29.63 15.27 -2.68
CA ALA A 22 -29.13 14.73 -1.42
C ALA A 22 -29.57 13.29 -1.24
N LYS A 23 -30.86 13.03 -1.48
CA LYS A 23 -31.45 11.70 -1.35
C LYS A 23 -30.63 10.66 -2.07
N GLU A 24 -30.35 10.94 -3.33
CA GLU A 24 -29.69 10.00 -4.22
C GLU A 24 -28.33 9.57 -3.71
N VAL A 25 -27.55 10.52 -3.18
CA VAL A 25 -26.20 10.24 -2.67
C VAL A 25 -26.23 9.15 -1.59
N LEU A 26 -27.23 9.22 -0.72
CA LEU A 26 -27.43 8.22 0.32
C LEU A 26 -27.79 6.87 -0.28
N GLU A 27 -28.55 6.91 -1.37
CA GLU A 27 -28.94 5.71 -2.10
C GLU A 27 -27.72 5.09 -2.77
N GLU A 28 -26.87 5.92 -3.35
CA GLU A 28 -25.60 5.47 -3.91
C GLU A 28 -24.78 4.79 -2.82
N LEU A 29 -24.70 5.43 -1.65
CA LEU A 29 -24.03 4.85 -0.49
C LEU A 29 -24.58 3.48 -0.15
N ASP A 30 -25.90 3.32 -0.27
CA ASP A 30 -26.52 2.02 -0.08
C ASP A 30 -25.98 1.00 -1.08
N ARG A 31 -25.96 1.35 -2.36
CA ARG A 31 -25.42 0.45 -3.38
C ARG A 31 -23.94 0.19 -3.19
N GLU A 32 -23.19 1.22 -2.83
CA GLU A 32 -21.73 1.11 -2.84
C GLU A 32 -21.12 0.59 -1.54
N LEU A 33 -21.97 0.30 -0.56
CA LEU A 33 -21.52 -0.32 0.69
C LEU A 33 -22.27 -1.61 0.94
N ILE A 34 -21.53 -2.72 0.92
CA ILE A 34 -22.08 -4.04 1.24
C ILE A 34 -22.62 -3.99 2.66
N GLY A 35 -23.95 -4.05 2.77
CA GLY A 35 -24.70 -3.94 4.02
C GLY A 35 -23.92 -3.59 5.27
N LEU A 36 -24.03 -2.35 5.72
CA LEU A 36 -23.45 -1.93 7.00
C LEU A 36 -24.38 -0.97 7.71
N LYS A 37 -25.62 -1.41 7.90
CA LYS A 37 -26.70 -0.57 8.41
C LYS A 37 -26.26 0.50 9.44
N PRO A 38 -25.76 0.07 10.62
CA PRO A 38 -25.45 1.04 11.70
C PRO A 38 -24.79 2.32 11.20
N VAL A 39 -23.78 2.17 10.35
CA VAL A 39 -23.06 3.32 9.79
C VAL A 39 -23.89 4.07 8.74
N LYS A 40 -24.56 3.34 7.86
CA LYS A 40 -25.47 3.96 6.89
C LYS A 40 -26.55 4.77 7.58
N ASP A 41 -27.05 4.25 8.70
CA ASP A 41 -28.08 4.90 9.51
C ASP A 41 -27.50 6.12 10.21
N ARG A 42 -26.28 5.97 10.70
CA ARG A 42 -25.55 7.06 11.35
C ARG A 42 -25.39 8.22 10.37
N ILE A 43 -24.98 7.90 9.14
CA ILE A 43 -24.80 8.89 8.07
C ILE A 43 -26.12 9.60 7.69
N ARG A 44 -27.22 8.85 7.67
CA ARG A 44 -28.55 9.43 7.45
C ARG A 44 -28.86 10.47 8.53
N GLU A 45 -28.59 10.10 9.78
CA GLU A 45 -28.81 11.01 10.92
C GLU A 45 -28.01 12.30 10.76
N THR A 46 -26.76 12.17 10.34
CA THR A 46 -25.90 13.31 10.00
C THR A 46 -26.48 14.11 8.83
N ALA A 47 -27.07 13.40 7.88
CA ALA A 47 -27.59 14.02 6.68
C ALA A 47 -28.84 14.82 6.97
N ALA A 48 -29.60 14.38 7.97
CA ALA A 48 -30.80 15.13 8.38
C ALA A 48 -30.41 16.47 8.99
N LEU A 49 -29.34 16.48 9.78
CA LEU A 49 -28.84 17.73 10.33
C LEU A 49 -28.35 18.67 9.24
N LEU A 50 -27.52 18.15 8.32
CA LEU A 50 -27.01 18.94 7.21
C LEU A 50 -28.17 19.53 6.42
N LEU A 51 -29.20 18.72 6.22
CA LEU A 51 -30.41 19.16 5.52
C LEU A 51 -31.20 20.20 6.32
N VAL A 52 -31.29 20.02 7.64
CA VAL A 52 -32.02 21.00 8.43
C VAL A 52 -31.24 22.32 8.50
N GLU A 53 -29.95 22.25 8.84
CA GLU A 53 -29.12 23.46 8.91
C GLU A 53 -29.06 24.20 7.57
N ARG A 54 -29.12 23.47 6.45
CA ARG A 54 -29.28 24.10 5.15
C ARG A 54 -30.62 24.79 5.06
N ALA A 55 -31.69 24.07 5.43
CA ALA A 55 -33.04 24.64 5.44
C ALA A 55 -33.08 25.91 6.30
N ARG A 56 -32.39 25.88 7.43
CA ARG A 56 -32.38 27.02 8.34
C ARG A 56 -31.70 28.21 7.66
N GLN A 57 -30.59 27.93 6.99
CA GLN A 57 -29.88 28.94 6.23
C GLN A 57 -30.77 29.56 5.13
N LYS A 58 -31.52 28.72 4.41
CA LYS A 58 -32.42 29.19 3.35
C LYS A 58 -33.57 30.05 3.87
N LEU A 59 -33.96 29.83 5.12
CA LEU A 59 -34.99 30.65 5.74
C LEU A 59 -34.41 31.94 6.30
N GLY A 60 -33.08 31.96 6.44
CA GLY A 60 -32.35 33.15 6.84
C GLY A 60 -32.16 33.23 8.33
N LEU A 61 -31.87 32.08 8.92
CA LEU A 61 -31.73 31.95 10.37
C LEU A 61 -30.30 31.62 10.77
N ALA A 62 -29.46 31.31 9.77
CA ALA A 62 -28.06 30.93 10.01
C ALA A 62 -27.24 32.11 10.51
N HIS A 63 -26.34 31.82 11.44
CA HIS A 63 -25.51 32.84 12.07
C HIS A 63 -24.09 32.79 11.49
N GLU A 64 -23.49 31.60 11.55
CA GLU A 64 -22.24 31.30 10.87
C GLU A 64 -22.47 29.98 10.16
N THR A 65 -21.44 29.44 9.52
CA THR A 65 -21.52 28.07 8.99
C THR A 65 -21.47 27.11 10.20
N PRO A 66 -22.23 26.01 10.13
CA PRO A 66 -22.05 25.00 11.17
C PRO A 66 -20.63 24.45 11.14
N THR A 67 -20.14 23.96 12.27
CA THR A 67 -18.91 23.18 12.27
C THR A 67 -19.34 21.87 11.65
N LEU A 68 -18.57 21.38 10.68
CA LEU A 68 -18.96 20.14 10.00
C LEU A 68 -17.87 19.19 9.55
N HIS A 69 -16.71 19.27 10.19
CA HIS A 69 -15.67 18.26 10.00
C HIS A 69 -16.14 17.03 10.75
N MET A 70 -15.45 15.91 10.57
CA MET A 70 -15.83 14.69 11.27
C MET A 70 -14.69 13.69 11.43
N SER A 71 -14.93 12.69 12.28
CA SER A 71 -13.93 11.67 12.56
C SER A 71 -14.51 10.29 12.28
N PHE A 72 -13.90 9.58 11.34
CA PHE A 72 -14.28 8.20 11.07
C PHE A 72 -13.27 7.29 11.76
N THR A 73 -13.72 6.62 12.82
CA THR A 73 -12.86 5.70 13.55
C THR A 73 -13.29 4.28 13.25
N GLY A 74 -12.34 3.36 13.22
CA GLY A 74 -12.63 1.95 12.97
C GLY A 74 -11.50 1.14 12.39
N ASN A 75 -11.77 -0.15 12.18
CA ASN A 75 -10.83 -1.04 11.51
C ASN A 75 -10.83 -0.73 10.01
N PRO A 76 -9.75 -1.11 9.30
CA PRO A 76 -9.74 -1.05 7.83
C PRO A 76 -10.81 -1.92 7.19
N GLY A 77 -11.26 -1.52 6.00
CA GLY A 77 -12.18 -2.30 5.21
C GLY A 77 -13.60 -2.22 5.72
N THR A 78 -13.89 -1.16 6.46
CA THR A 78 -15.20 -0.98 7.08
C THR A 78 -16.07 0.05 6.37
N GLY A 79 -15.51 0.66 5.32
CA GLY A 79 -16.27 1.57 4.46
C GLY A 79 -15.94 3.05 4.61
N LYS A 80 -14.90 3.38 5.38
CA LYS A 80 -14.59 4.78 5.69
C LYS A 80 -14.44 5.68 4.46
N THR A 81 -13.42 5.41 3.64
CA THR A 81 -13.15 6.18 2.41
C THR A 81 -14.36 6.29 1.50
N THR A 82 -15.04 5.18 1.26
CA THR A 82 -16.23 5.22 0.40
C THR A 82 -17.37 6.00 1.03
N VAL A 83 -17.39 6.11 2.36
CA VAL A 83 -18.36 6.96 3.04
C VAL A 83 -17.94 8.42 2.88
N ALA A 84 -16.64 8.67 2.99
CA ALA A 84 -16.08 10.02 2.84
C ALA A 84 -16.35 10.57 1.45
N LEU A 85 -16.22 9.70 0.45
CA LEU A 85 -16.63 9.99 -0.92
C LEU A 85 -18.05 10.52 -0.98
N LYS A 86 -18.95 9.82 -0.29
CA LYS A 86 -20.36 10.18 -0.24
C LYS A 86 -20.59 11.43 0.58
N MET A 87 -19.82 11.57 1.66
CA MET A 87 -19.89 12.77 2.50
C MET A 87 -19.52 14.01 1.71
N ALA A 88 -18.49 13.88 0.88
CA ALA A 88 -18.11 14.96 -0.04
C ALA A 88 -19.27 15.24 -0.97
N GLY A 89 -19.85 14.17 -1.51
CA GLY A 89 -20.98 14.29 -2.42
C GLY A 89 -22.15 15.03 -1.81
N LEU A 90 -22.55 14.60 -0.61
CA LEU A 90 -23.70 15.15 0.08
C LEU A 90 -23.49 16.61 0.50
N LEU A 91 -22.28 16.90 0.99
CA LEU A 91 -21.91 18.27 1.36
C LEU A 91 -21.93 19.19 0.14
N HIS A 92 -21.51 18.65 -1.00
CA HIS A 92 -21.58 19.36 -2.28
C HIS A 92 -23.02 19.63 -2.73
N ARG A 93 -23.85 18.58 -2.74
CA ARG A 93 -25.23 18.72 -3.20
C ARG A 93 -26.02 19.66 -2.29
N LEU A 94 -25.63 19.73 -1.02
CA LEU A 94 -26.25 20.64 -0.04
C LEU A 94 -25.57 21.99 0.02
N GLY A 95 -24.64 22.22 -0.91
CA GLY A 95 -23.93 23.49 -1.04
C GLY A 95 -23.18 23.94 0.20
N TYR A 96 -22.69 22.97 0.98
CA TYR A 96 -21.89 23.27 2.17
C TYR A 96 -20.45 23.48 1.77
N VAL A 97 -20.05 22.77 0.71
CA VAL A 97 -18.70 22.81 0.20
C VAL A 97 -18.77 23.07 -1.31
N ARG A 98 -17.85 23.89 -1.82
CA ARG A 98 -17.92 24.40 -3.20
C ARG A 98 -17.90 23.29 -4.27
N LYS A 99 -16.79 22.57 -4.34
CA LYS A 99 -16.61 21.50 -5.33
C LYS A 99 -16.64 20.14 -4.65
N GLY A 100 -17.35 19.18 -5.25
CA GLY A 100 -17.61 17.90 -4.59
C GLY A 100 -16.48 16.90 -4.40
N HIS A 101 -15.23 17.36 -4.49
CA HIS A 101 -14.09 16.43 -4.55
C HIS A 101 -13.51 16.05 -3.18
N LEU A 102 -12.92 14.86 -3.13
CA LEU A 102 -12.25 14.33 -1.95
C LEU A 102 -10.74 14.21 -2.22
N VAL A 103 -9.93 14.69 -1.29
CA VAL A 103 -8.48 14.59 -1.44
C VAL A 103 -7.91 13.70 -0.33
N SER A 104 -7.66 12.43 -0.68
CA SER A 104 -7.19 11.42 0.27
C SER A 104 -5.70 11.57 0.52
N VAL A 105 -5.29 11.42 1.79
CA VAL A 105 -3.96 11.83 2.24
C VAL A 105 -3.48 11.00 3.45
N THR A 106 -2.16 10.82 3.57
CA THR A 106 -1.56 10.17 4.74
C THR A 106 -0.44 11.04 5.30
N ARG A 107 0.23 10.56 6.35
CA ARG A 107 1.28 11.32 7.06
C ARG A 107 2.32 11.91 6.11
N ASP A 108 2.87 11.06 5.24
CA ASP A 108 3.95 11.44 4.33
C ASP A 108 3.62 12.65 3.46
N ASP A 109 2.36 12.77 3.05
CA ASP A 109 1.92 13.86 2.19
C ASP A 109 1.94 15.20 2.89
N LEU A 110 2.07 15.18 4.22
CA LEU A 110 1.99 16.41 5.00
C LEU A 110 3.27 16.70 5.76
N VAL A 111 3.94 15.64 6.20
CA VAL A 111 5.13 15.74 7.03
C VAL A 111 6.37 15.41 6.22
N GLY A 112 7.15 16.44 5.88
CA GLY A 112 8.41 16.28 5.19
C GLY A 112 9.53 15.83 6.11
N GLN A 113 10.58 15.27 5.53
CA GLN A 113 11.72 14.77 6.29
C GLN A 113 12.63 15.90 6.79
N TYR A 114 13.29 16.59 5.85
CA TYR A 114 14.23 17.68 6.18
C TYR A 114 13.52 18.91 6.79
N ILE A 115 14.17 19.54 7.76
CA ILE A 115 13.62 20.70 8.49
C ILE A 115 13.03 21.78 7.58
N GLY A 116 11.94 22.40 8.03
CA GLY A 116 11.29 23.48 7.29
C GLY A 116 10.37 23.06 6.15
N HIS A 117 10.52 21.82 5.67
CA HIS A 117 9.75 21.31 4.51
C HIS A 117 8.26 21.04 4.76
N THR A 118 7.87 20.91 6.02
CA THR A 118 6.49 20.58 6.37
C THR A 118 5.52 21.67 5.93
N ALA A 119 5.70 22.89 6.44
CA ALA A 119 4.73 23.99 6.22
C ALA A 119 4.19 24.17 4.78
N PRO A 120 5.09 24.20 3.76
CA PRO A 120 4.54 24.36 2.41
C PRO A 120 3.87 23.09 1.87
N LYS A 121 4.25 21.93 2.40
CA LYS A 121 3.70 20.65 1.93
C LYS A 121 2.23 20.52 2.34
N THR A 122 1.95 20.76 3.63
CA THR A 122 0.58 20.76 4.14
C THR A 122 -0.27 21.81 3.40
N LYS A 123 0.24 23.03 3.36
CA LYS A 123 -0.43 24.15 2.71
C LYS A 123 -0.79 23.86 1.25
N GLU A 124 0.10 23.16 0.55
CA GLU A 124 -0.14 22.85 -0.85
C GLU A 124 -1.26 21.83 -0.97
N VAL A 125 -1.22 20.81 -0.10
CA VAL A 125 -2.25 19.80 -0.03
C VAL A 125 -3.59 20.46 0.32
N LEU A 126 -3.55 21.35 1.31
CA LEU A 126 -4.72 22.11 1.72
C LEU A 126 -5.33 22.91 0.58
N LYS A 127 -4.46 23.55 -0.23
CA LYS A 127 -4.90 24.31 -1.40
C LYS A 127 -5.70 23.44 -2.37
N ARG A 128 -5.14 22.27 -2.69
CA ARG A 128 -5.82 21.30 -3.56
C ARG A 128 -7.14 20.82 -2.96
N ALA A 129 -7.23 20.91 -1.63
CA ALA A 129 -8.37 20.37 -0.91
C ALA A 129 -9.50 21.37 -0.74
N MET A 130 -9.16 22.66 -0.73
CA MET A 130 -10.19 23.74 -0.65
C MET A 130 -11.23 23.49 -1.73
N GLY A 131 -12.47 23.85 -1.45
CA GLY A 131 -13.56 23.57 -2.36
C GLY A 131 -14.23 22.25 -2.05
N GLY A 132 -13.43 21.25 -1.68
CA GLY A 132 -13.94 19.91 -1.33
C GLY A 132 -13.57 19.41 0.06
N VAL A 133 -13.32 18.11 0.17
CA VAL A 133 -13.04 17.44 1.46
C VAL A 133 -11.62 16.89 1.51
N LEU A 134 -10.94 17.08 2.64
CA LEU A 134 -9.64 16.46 2.88
C LEU A 134 -9.72 15.28 3.85
N PHE A 135 -9.39 14.10 3.35
CA PHE A 135 -9.45 12.86 4.12
C PHE A 135 -8.04 12.47 4.53
N ILE A 136 -7.76 12.55 5.83
CA ILE A 136 -6.42 12.24 6.36
C ILE A 136 -6.41 10.91 7.09
N ASP A 137 -5.84 9.90 6.43
CA ASP A 137 -5.88 8.54 6.90
C ASP A 137 -4.83 8.32 7.99
N GLU A 138 -5.28 7.80 9.13
CA GLU A 138 -4.45 7.62 10.33
C GLU A 138 -3.77 8.90 10.78
N ALA A 139 -4.54 9.98 10.78
CA ALA A 139 -4.08 11.32 11.12
C ALA A 139 -3.21 11.42 12.38
N TYR A 140 -3.37 10.47 13.29
CA TYR A 140 -2.62 10.49 14.55
C TYR A 140 -1.10 10.33 14.39
N TYR A 141 -0.67 9.82 13.24
CA TYR A 141 0.76 9.66 12.95
C TYR A 141 1.48 10.97 12.63
N LEU A 142 0.69 12.05 12.47
CA LEU A 142 1.24 13.39 12.36
C LEU A 142 1.92 13.75 13.67
N TYR A 143 1.21 13.50 14.77
CA TYR A 143 1.72 13.71 16.11
C TYR A 143 2.54 12.50 16.55
N ARG A 144 3.86 12.60 16.37
CA ARG A 144 4.79 11.64 16.93
C ARG A 144 5.88 12.44 17.64
N PRO A 145 5.69 12.72 18.94
CA PRO A 145 6.71 13.49 19.69
C PRO A 145 7.97 12.65 19.92
N ASP A 146 8.07 11.52 19.21
CA ASP A 146 9.21 10.61 19.25
C ASP A 146 10.44 11.23 18.59
N ASP A 150 11.51 15.01 11.36
CA ASP A 150 10.06 14.86 11.46
C ASP A 150 9.44 15.98 12.29
N TYR A 151 8.78 16.91 11.60
CA TYR A 151 8.17 18.06 12.24
C TYR A 151 6.69 18.14 11.87
N GLY A 152 5.98 17.06 12.17
CA GLY A 152 4.55 16.95 11.91
C GLY A 152 3.73 17.86 12.80
N GLN A 153 4.31 18.26 13.93
CA GLN A 153 3.69 19.20 14.87
C GLN A 153 3.13 20.42 14.18
N GLU A 154 3.82 20.87 13.13
CA GLU A 154 3.43 22.08 12.39
C GLU A 154 2.27 21.84 11.43
N ALA A 155 2.22 20.63 10.86
CA ALA A 155 1.11 20.23 10.00
C ALA A 155 -0.19 20.28 10.80
N ILE A 156 -0.13 19.72 12.01
CA ILE A 156 -1.23 19.73 12.98
C ILE A 156 -1.76 21.15 13.26
N GLU A 157 -0.85 22.10 13.36
CA GLU A 157 -1.18 23.46 13.72
C GLU A 157 -1.81 24.23 12.55
N ILE A 158 -1.22 24.09 11.36
CA ILE A 158 -1.81 24.66 10.15
C ILE A 158 -3.18 24.02 9.95
N LEU A 159 -3.25 22.72 10.22
CA LEU A 159 -4.48 21.95 10.12
C LEU A 159 -5.54 22.49 11.07
N LEU A 160 -5.14 22.72 12.33
CA LEU A 160 -6.05 23.17 13.36
C LEU A 160 -6.58 24.56 13.05
N GLN A 161 -5.65 25.48 12.75
CA GLN A 161 -6.00 26.86 12.41
C GLN A 161 -7.05 26.88 11.33
N VAL A 162 -6.79 26.14 10.25
CA VAL A 162 -7.70 26.06 9.10
C VAL A 162 -9.11 25.59 9.51
N MET A 163 -9.16 24.59 10.39
CA MET A 163 -10.43 23.96 10.74
C MET A 163 -11.38 24.91 11.48
N GLU A 164 -10.85 25.80 12.31
CA GLU A 164 -11.68 26.81 12.96
C GLU A 164 -12.05 27.94 11.98
N ASN A 165 -11.02 28.50 11.35
CA ASN A 165 -11.12 29.76 10.59
C ASN A 165 -12.00 29.75 9.32
N ASN A 166 -11.48 29.19 8.23
CA ASN A 166 -12.17 29.22 6.95
C ASN A 166 -12.92 27.92 6.63
N ARG A 167 -14.20 27.90 7.01
CA ARG A 167 -14.99 26.67 7.00
C ARG A 167 -15.71 26.36 5.70
N ASP A 168 -16.09 27.41 4.96
CA ASP A 168 -16.81 27.20 3.70
C ASP A 168 -15.92 26.76 2.53
N ASP A 169 -14.61 26.81 2.74
CA ASP A 169 -13.66 26.27 1.77
C ASP A 169 -13.57 24.78 1.99
N LEU A 170 -13.02 24.41 3.15
CA LEU A 170 -12.57 23.05 3.40
C LEU A 170 -13.41 22.30 4.42
N VAL A 171 -13.47 20.97 4.25
CA VAL A 171 -13.96 20.06 5.26
C VAL A 171 -12.91 18.96 5.47
N VAL A 172 -12.64 18.63 6.72
CA VAL A 172 -11.66 17.62 7.06
C VAL A 172 -12.37 16.39 7.63
N ILE A 173 -12.02 15.22 7.12
CA ILE A 173 -12.39 13.98 7.77
C ILE A 173 -11.13 13.25 8.20
N LEU A 174 -10.90 13.21 9.50
CA LEU A 174 -9.83 12.44 10.07
C LEU A 174 -10.28 10.99 10.16
N ALA A 175 -9.36 10.06 9.91
CA ALA A 175 -9.73 8.66 9.90
C ALA A 175 -8.66 7.76 10.50
N GLY A 176 -9.10 6.67 11.13
CA GLY A 176 -8.19 5.63 11.62
C GLY A 176 -8.79 4.73 12.69
N TYR A 177 -7.93 4.00 13.39
CA TYR A 177 -8.32 3.21 14.54
C TYR A 177 -8.77 4.10 15.68
N ALA A 178 -9.75 3.65 16.44
CA ALA A 178 -10.39 4.46 17.47
C ALA A 178 -9.50 4.79 18.68
N ASP A 179 -8.79 3.80 19.20
CA ASP A 179 -7.96 4.01 20.38
C ASP A 179 -6.81 4.97 20.07
N ARG A 180 -6.17 4.76 18.91
CA ARG A 180 -5.11 5.62 18.42
C ARG A 180 -5.61 7.04 18.18
N MET A 181 -6.81 7.18 17.61
CA MET A 181 -7.45 8.48 17.43
C MET A 181 -7.82 9.16 18.74
N GLU A 182 -8.23 8.35 19.73
CA GLU A 182 -8.58 8.89 21.03
C GLU A 182 -7.37 9.47 21.75
N ASN A 183 -6.28 8.70 21.79
CA ASN A 183 -5.01 9.19 22.31
C ASN A 183 -4.53 10.43 21.59
N PHE A 184 -4.77 10.49 20.27
CA PHE A 184 -4.41 11.65 19.49
C PHE A 184 -5.17 12.85 20.03
N PHE A 185 -6.49 12.70 20.17
CA PHE A 185 -7.32 13.77 20.68
C PHE A 185 -6.93 14.17 22.09
N GLN A 186 -6.64 13.17 22.93
CA GLN A 186 -6.11 13.43 24.28
C GLN A 186 -4.86 14.30 24.22
N SER A 187 -3.89 13.88 23.41
CA SER A 187 -2.61 14.56 23.29
C SER A 187 -2.69 15.86 22.47
N ASN A 188 -3.81 16.07 21.79
CA ASN A 188 -4.01 17.30 21.01
C ASN A 188 -5.40 17.90 21.20
N PRO A 189 -5.58 18.68 22.29
CA PRO A 189 -6.84 19.37 22.47
C PRO A 189 -7.06 20.35 21.31
N GLY A 190 -8.31 20.75 21.11
CA GLY A 190 -8.63 21.70 20.06
C GLY A 190 -9.24 21.04 18.84
N PHE A 191 -8.90 19.76 18.63
CA PHE A 191 -9.54 18.97 17.58
C PHE A 191 -10.96 18.58 17.97
N ARG A 192 -11.10 18.11 19.22
CA ARG A 192 -12.38 17.67 19.76
C ARG A 192 -13.43 18.77 19.66
N SER A 193 -13.00 20.01 19.86
CA SER A 193 -13.85 21.18 19.72
C SER A 193 -14.34 21.34 18.29
N ARG A 194 -13.48 21.02 17.34
CA ARG A 194 -13.71 21.28 15.92
C ARG A 194 -14.49 20.15 15.23
N ILE A 195 -14.23 18.91 15.62
CA ILE A 195 -14.96 17.78 15.06
C ILE A 195 -16.45 17.87 15.41
N ALA A 196 -17.29 17.90 14.38
CA ALA A 196 -18.72 17.98 14.61
C ALA A 196 -19.31 16.59 14.81
N HIS A 197 -18.70 15.59 14.18
CA HIS A 197 -19.29 14.26 14.14
C HIS A 197 -18.27 13.17 14.34
N HIS A 198 -18.62 12.21 15.20
CA HIS A 198 -17.84 11.01 15.32
C HIS A 198 -18.67 9.87 14.81
N ILE A 199 -18.24 9.31 13.68
CA ILE A 199 -18.89 8.16 13.10
C ILE A 199 -18.00 6.97 13.41
N GLU A 200 -18.57 6.00 14.12
CA GLU A 200 -17.88 4.76 14.47
C GLU A 200 -18.21 3.69 13.46
N PHE A 201 -17.16 3.06 12.93
CA PHE A 201 -17.31 2.04 11.90
C PHE A 201 -17.05 0.65 12.48
N PRO A 202 -18.11 -0.16 12.65
CA PRO A 202 -17.94 -1.51 13.18
C PRO A 202 -17.52 -2.54 12.12
N ASP A 203 -17.15 -3.74 12.55
CA ASP A 203 -16.77 -4.80 11.65
C ASP A 203 -17.99 -5.55 11.11
N TYR A 204 -17.78 -6.36 10.08
CA TYR A 204 -18.77 -7.32 9.64
C TYR A 204 -18.81 -8.46 10.63
N SER A 205 -19.91 -9.19 10.64
CA SER A 205 -20.05 -10.34 11.53
C SER A 205 -19.33 -11.52 10.91
N ASP A 206 -19.05 -12.54 11.74
CA ASP A 206 -18.51 -13.81 11.25
C ASP A 206 -19.34 -14.32 10.09
N GLU A 207 -20.66 -14.21 10.22
CA GLU A 207 -21.58 -14.71 9.20
C GLU A 207 -21.41 -13.95 7.90
N GLU A 208 -21.27 -12.63 8.00
CA GLU A 208 -21.16 -11.77 6.83
C GLU A 208 -19.85 -11.95 6.09
N LEU A 209 -18.79 -12.21 6.84
CA LEU A 209 -17.46 -12.39 6.28
C LEU A 209 -17.39 -13.74 5.61
N PHE A 210 -18.14 -14.70 6.15
CA PHE A 210 -18.20 -16.04 5.58
C PHE A 210 -18.98 -16.01 4.26
N GLU A 211 -20.08 -15.26 4.26
CA GLU A 211 -20.81 -14.91 3.05
C GLU A 211 -19.86 -14.37 2.00
N ILE A 212 -19.10 -13.35 2.39
CA ILE A 212 -18.17 -12.69 1.49
C ILE A 212 -17.16 -13.68 0.90
N ALA A 213 -16.52 -14.44 1.77
CA ALA A 213 -15.59 -15.49 1.38
C ALA A 213 -16.25 -16.43 0.38
N GLY A 214 -17.49 -16.82 0.68
CA GLY A 214 -18.26 -17.71 -0.19
C GLY A 214 -18.38 -17.17 -1.60
N HIS A 215 -18.83 -15.93 -1.72
CA HIS A 215 -18.94 -15.28 -3.01
C HIS A 215 -17.58 -15.17 -3.70
N MET A 216 -16.56 -14.75 -2.96
CA MET A 216 -15.18 -14.71 -3.49
C MET A 216 -14.78 -16.03 -4.17
N LEU A 217 -15.05 -17.15 -3.50
CA LEU A 217 -14.74 -18.48 -4.03
C LEU A 217 -15.54 -18.84 -5.26
N ASP A 218 -16.84 -18.52 -5.23
CA ASP A 218 -17.76 -18.89 -6.30
C ASP A 218 -17.34 -18.29 -7.63
N ASP A 219 -17.02 -16.99 -7.60
CA ASP A 219 -16.56 -16.24 -8.77
C ASP A 219 -15.33 -16.88 -9.39
N GLN A 220 -14.45 -17.37 -8.54
CA GLN A 220 -13.21 -17.97 -9.00
C GLN A 220 -13.39 -19.47 -9.18
N ASN A 221 -14.65 -19.91 -9.16
CA ASN A 221 -14.99 -21.33 -9.19
C ASN A 221 -14.11 -22.17 -8.29
N TYR A 222 -14.26 -21.97 -6.99
CA TYR A 222 -13.51 -22.70 -6.00
C TYR A 222 -14.47 -23.27 -4.98
N GLN A 223 -14.43 -24.59 -4.80
CA GLN A 223 -15.25 -25.26 -3.81
C GLN A 223 -14.41 -25.57 -2.56
N MET A 224 -15.08 -25.69 -1.41
CA MET A 224 -14.42 -25.96 -0.13
C MET A 224 -14.82 -27.34 0.38
N THR A 225 -13.89 -28.08 0.97
CA THR A 225 -14.25 -29.31 1.68
C THR A 225 -14.92 -28.89 2.99
N PRO A 226 -15.77 -29.75 3.57
CA PRO A 226 -16.39 -29.38 4.84
C PRO A 226 -15.38 -29.08 5.96
N GLU A 227 -14.22 -29.73 5.92
CA GLU A 227 -13.19 -29.50 6.92
C GLU A 227 -12.55 -28.14 6.68
N ALA A 228 -12.50 -27.75 5.41
CA ALA A 228 -12.07 -26.41 5.01
C ALA A 228 -13.11 -25.34 5.38
N GLU A 229 -14.39 -25.69 5.28
CA GLU A 229 -15.47 -24.81 5.75
C GLU A 229 -15.35 -24.59 7.25
N THR A 230 -15.09 -25.66 7.99
CA THR A 230 -14.83 -25.58 9.42
C THR A 230 -13.65 -24.62 9.67
N ALA A 231 -12.46 -25.04 9.26
CA ALA A 231 -11.24 -24.24 9.35
C ALA A 231 -11.44 -22.76 9.06
N LEU A 232 -12.06 -22.43 7.92
CA LEU A 232 -12.30 -21.04 7.55
C LEU A 232 -13.05 -20.30 8.65
N ARG A 233 -14.17 -20.87 9.09
CA ARG A 233 -14.97 -20.28 10.16
C ARG A 233 -14.08 -20.02 11.37
N ALA A 234 -13.40 -21.06 11.86
CA ALA A 234 -12.43 -20.92 12.94
C ALA A 234 -11.49 -19.76 12.68
N TYR A 235 -10.90 -19.73 11.47
CA TYR A 235 -9.95 -18.70 11.05
C TYR A 235 -10.54 -17.30 11.23
N ILE A 236 -11.71 -17.07 10.64
CA ILE A 236 -12.38 -15.78 10.74
C ILE A 236 -12.45 -15.33 12.20
N GLY A 237 -12.90 -16.24 13.08
CA GLY A 237 -13.05 -15.96 14.50
C GLY A 237 -11.76 -15.54 15.17
N LEU A 238 -10.66 -16.17 14.78
CA LEU A 238 -9.36 -15.87 15.35
C LEU A 238 -8.77 -14.60 14.76
N ARG A 239 -8.79 -14.52 13.43
CA ARG A 239 -8.26 -13.37 12.68
C ARG A 239 -8.88 -12.06 13.14
N ARG A 240 -10.18 -12.09 13.42
CA ARG A 240 -10.93 -10.88 13.77
C ARG A 240 -10.55 -10.27 15.11
N ASN A 241 -9.91 -11.05 15.98
CA ASN A 241 -9.44 -10.52 17.26
C ASN A 241 -7.94 -10.32 17.26
N GLN A 242 -7.34 -10.39 16.07
CA GLN A 242 -5.90 -10.17 15.89
C GLN A 242 -5.62 -8.78 15.29
N PRO A 243 -4.42 -8.23 15.54
CA PRO A 243 -4.10 -6.84 15.22
C PRO A 243 -4.29 -6.48 13.75
N HIS A 244 -4.82 -5.28 13.51
CA HIS A 244 -4.98 -4.73 12.17
C HIS A 244 -5.90 -5.60 11.32
N PHE A 245 -7.12 -5.76 11.80
CA PHE A 245 -8.11 -6.56 11.09
C PHE A 245 -8.71 -5.75 9.95
N ALA A 246 -8.62 -6.29 8.75
CA ALA A 246 -9.09 -5.58 7.58
C ALA A 246 -10.29 -6.27 6.94
N ASN A 247 -11.31 -6.55 7.76
CA ASN A 247 -12.57 -7.15 7.29
C ASN A 247 -12.52 -7.99 6.01
N ALA A 248 -13.23 -7.55 4.98
CA ALA A 248 -13.31 -8.25 3.70
C ALA A 248 -11.97 -8.37 2.99
N ARG A 249 -11.08 -7.41 3.23
CA ARG A 249 -9.75 -7.39 2.63
C ARG A 249 -8.91 -8.55 3.17
N SER A 250 -8.87 -8.70 4.49
CA SER A 250 -8.09 -9.75 5.12
C SER A 250 -8.70 -11.13 4.88
N ILE A 251 -9.94 -11.17 4.39
CA ILE A 251 -10.56 -12.42 3.93
C ILE A 251 -10.06 -12.80 2.54
N ARG A 252 -9.99 -11.83 1.63
CA ARG A 252 -9.42 -12.02 0.29
C ARG A 252 -7.98 -12.45 0.42
N ASN A 253 -7.22 -11.77 1.27
CA ASN A 253 -5.84 -12.12 1.56
C ASN A 253 -5.68 -13.52 2.12
N ALA A 254 -6.62 -13.93 2.98
CA ALA A 254 -6.57 -15.25 3.58
C ALA A 254 -6.90 -16.32 2.55
N LEU A 255 -7.94 -16.07 1.76
CA LEU A 255 -8.28 -16.96 0.67
C LEU A 255 -7.14 -16.97 -0.35
N ASP A 256 -6.60 -15.79 -0.64
CA ASP A 256 -5.43 -15.67 -1.52
C ASP A 256 -4.32 -16.60 -1.05
N ARG A 257 -3.97 -16.49 0.23
CA ARG A 257 -2.93 -17.34 0.82
C ARG A 257 -3.29 -18.82 0.83
N ALA A 258 -4.58 -19.12 1.00
CA ALA A 258 -5.05 -20.50 0.92
C ALA A 258 -4.98 -21.03 -0.51
N ARG A 259 -5.32 -20.18 -1.47
CA ARG A 259 -5.20 -20.51 -2.90
C ARG A 259 -3.76 -20.82 -3.31
N LEU A 260 -2.80 -20.15 -2.68
CA LEU A 260 -1.38 -20.36 -2.98
C LEU A 260 -0.90 -21.69 -2.42
N ARG A 261 -1.30 -21.96 -1.18
CA ARG A 261 -0.91 -23.20 -0.51
C ARG A 261 -1.51 -24.39 -1.26
N GLN A 262 -2.80 -24.29 -1.56
CA GLN A 262 -3.53 -25.32 -2.30
C GLN A 262 -2.85 -25.66 -3.62
N ALA A 263 -2.45 -24.62 -4.35
CA ALA A 263 -1.71 -24.79 -5.60
C ALA A 263 -0.38 -25.50 -5.38
N ASN A 264 0.34 -25.14 -4.33
CA ASN A 264 1.61 -25.79 -4.01
C ASN A 264 1.44 -27.22 -3.50
N ARG A 265 0.35 -27.47 -2.79
CA ARG A 265 0.02 -28.80 -2.29
C ARG A 265 -0.09 -29.79 -3.47
N LEU A 266 -1.02 -29.50 -4.38
CA LEU A 266 -1.26 -30.34 -5.55
C LEU A 266 0.02 -30.57 -6.35
N PHE A 267 0.53 -29.48 -6.92
CA PHE A 267 1.76 -29.49 -7.73
C PHE A 267 2.91 -30.31 -7.12
N THR A 268 3.00 -30.32 -5.80
CA THR A 268 4.01 -31.09 -5.08
C THR A 268 3.68 -32.59 -4.98
N ALA A 269 2.39 -32.93 -4.89
CA ALA A 269 1.95 -34.32 -4.77
C ALA A 269 2.22 -35.12 -6.04
N PRO A 273 -1.99 -36.54 -12.75
CA PRO A 273 -3.14 -35.94 -13.43
C PRO A 273 -4.28 -35.66 -12.46
N LEU A 274 -4.97 -34.54 -12.69
CA LEU A 274 -5.99 -34.06 -11.76
C LEU A 274 -7.14 -33.40 -12.51
N ASP A 275 -8.36 -33.79 -12.15
CA ASP A 275 -9.57 -33.24 -12.79
C ASP A 275 -9.92 -31.86 -12.24
N ALA A 276 -10.95 -31.24 -12.81
CA ALA A 276 -11.39 -29.90 -12.42
C ALA A 276 -11.77 -29.83 -10.94
N ARG A 277 -12.34 -30.91 -10.40
CA ARG A 277 -12.71 -30.94 -8.98
C ARG A 277 -11.49 -30.87 -8.07
N ALA A 278 -10.44 -31.63 -8.40
CA ALA A 278 -9.21 -31.62 -7.61
C ALA A 278 -8.52 -30.27 -7.64
N LEU A 279 -8.65 -29.58 -8.77
CA LEU A 279 -8.02 -28.27 -8.96
C LEU A 279 -8.75 -27.16 -8.21
N SER A 280 -10.07 -27.18 -8.25
CA SER A 280 -10.90 -26.14 -7.64
C SER A 280 -11.13 -26.33 -6.14
N THR A 281 -10.75 -27.48 -5.61
CA THR A 281 -11.01 -27.79 -4.21
C THR A 281 -9.94 -27.27 -3.29
N ILE A 282 -10.38 -26.68 -2.18
CA ILE A 282 -9.47 -26.23 -1.14
C ILE A 282 -9.62 -27.11 0.10
N ALA A 283 -8.53 -27.79 0.45
CA ALA A 283 -8.51 -28.72 1.56
C ALA A 283 -8.20 -27.98 2.84
N GLU A 284 -8.52 -28.65 3.95
CA GLU A 284 -8.34 -28.13 5.30
C GLU A 284 -6.92 -27.61 5.53
N GLU A 285 -5.92 -28.41 5.12
CA GLU A 285 -4.50 -28.09 5.30
C GLU A 285 -4.16 -26.69 4.80
N ASP A 286 -4.72 -26.33 3.65
CA ASP A 286 -4.45 -25.06 2.99
C ASP A 286 -4.82 -23.86 3.84
N ILE A 287 -5.88 -24.01 4.65
CA ILE A 287 -6.28 -22.96 5.57
C ILE A 287 -5.60 -23.14 6.92
N ARG A 288 -5.64 -24.35 7.45
CA ARG A 288 -5.03 -24.66 8.76
C ARG A 288 -3.55 -24.30 8.82
N ALA A 289 -2.88 -24.35 7.67
CA ALA A 289 -1.45 -24.07 7.58
C ALA A 289 -1.10 -22.62 7.90
N SER A 290 -2.11 -21.75 7.94
CA SER A 290 -1.93 -20.35 8.29
C SER A 290 -1.37 -20.16 9.70
N ARG A 291 -0.62 -19.07 9.89
CA ARG A 291 -0.01 -18.75 11.18
C ARG A 291 -0.99 -18.08 12.15
N VAL A 292 -2.22 -17.87 11.69
CA VAL A 292 -3.31 -17.35 12.51
C VAL A 292 -3.69 -18.38 13.59
N PHE A 293 -3.44 -19.66 13.28
CA PHE A 293 -3.74 -20.74 14.21
C PHE A 293 -2.65 -20.93 15.27
N LYS A 294 -1.40 -20.60 14.91
CA LYS A 294 -0.28 -20.66 15.84
C LYS A 294 -0.14 -19.36 16.66
N GLY A 295 -1.12 -18.46 16.53
CA GLY A 295 -1.10 -17.17 17.24
C GLY A 295 -0.82 -15.97 16.34
N GLY A 296 0.31 -16.00 15.64
CA GLY A 296 0.71 -14.92 14.74
C GLY A 296 -0.14 -14.84 13.48
N PRO B 8 -8.94 -34.14 -23.41
CA PRO B 8 -8.45 -33.80 -22.08
C PRO B 8 -9.56 -33.75 -21.02
N THR B 9 -9.28 -34.32 -19.84
CA THR B 9 -10.24 -34.45 -18.73
C THR B 9 -9.60 -34.12 -17.37
N SER B 10 -8.45 -34.75 -17.12
CA SER B 10 -7.55 -34.36 -16.04
C SER B 10 -6.39 -33.59 -16.68
N ILE B 11 -5.45 -33.10 -15.86
CA ILE B 11 -4.26 -32.42 -16.36
C ILE B 11 -3.03 -32.78 -15.53
N ASP B 12 -1.98 -33.22 -16.23
CA ASP B 12 -0.68 -33.46 -15.61
C ASP B 12 0.03 -32.12 -15.43
N LEU B 13 0.25 -31.74 -14.16
CA LEU B 13 0.88 -30.46 -13.85
C LEU B 13 2.35 -30.46 -14.24
N ARG B 14 3.06 -31.53 -13.88
CA ARG B 14 4.49 -31.69 -14.22
C ARG B 14 4.73 -31.64 -15.73
N ALA B 15 3.73 -32.04 -16.51
CA ALA B 15 3.82 -31.98 -17.97
C ALA B 15 3.91 -30.53 -18.44
N GLU B 16 3.09 -29.66 -17.85
CA GLU B 16 3.11 -28.23 -18.16
C GLU B 16 4.36 -27.59 -17.60
N TYR B 17 4.71 -27.94 -16.37
CA TYR B 17 5.88 -27.40 -15.69
C TYR B 17 7.14 -27.70 -16.48
N GLU B 18 7.22 -28.91 -17.03
CA GLU B 18 8.38 -29.32 -17.83
C GLU B 18 8.27 -28.89 -19.30
N GLY B 19 7.04 -28.75 -19.78
CA GLY B 19 6.79 -28.32 -21.16
C GLY B 19 6.92 -26.83 -21.37
N SER B 20 6.65 -26.05 -20.33
CA SER B 20 6.64 -24.59 -20.42
C SER B 20 8.05 -24.02 -20.48
N GLY B 21 8.99 -24.70 -19.85
CA GLY B 21 10.33 -24.15 -19.61
C GLY B 21 10.31 -23.24 -18.40
N ALA B 22 9.21 -23.31 -17.65
CA ALA B 22 9.05 -22.57 -16.41
C ALA B 22 10.11 -22.96 -15.40
N LYS B 23 10.47 -24.24 -15.36
CA LYS B 23 11.55 -24.71 -14.49
C LYS B 23 12.87 -24.07 -14.90
N GLU B 24 13.08 -23.94 -16.21
CA GLU B 24 14.31 -23.35 -16.77
C GLU B 24 14.47 -21.87 -16.40
N VAL B 25 13.36 -21.19 -16.12
CA VAL B 25 13.40 -19.80 -15.67
C VAL B 25 13.59 -19.74 -14.16
N LEU B 26 13.07 -20.74 -13.44
CA LEU B 26 13.24 -20.81 -11.99
C LEU B 26 14.67 -21.17 -11.61
N GLU B 27 15.29 -22.03 -12.42
CA GLU B 27 16.72 -22.33 -12.31
C GLU B 27 17.52 -21.07 -12.60
N GLU B 28 17.17 -20.40 -13.69
CA GLU B 28 17.79 -19.14 -14.07
C GLU B 28 17.76 -18.14 -12.91
N LEU B 29 16.72 -18.20 -12.08
CA LEU B 29 16.57 -17.30 -10.93
C LEU B 29 17.53 -17.64 -9.77
N ASP B 30 17.66 -18.93 -9.46
CA ASP B 30 18.60 -19.38 -8.44
C ASP B 30 20.03 -19.01 -8.82
N ARG B 31 20.39 -19.24 -10.08
CA ARG B 31 21.73 -18.96 -10.58
C ARG B 31 22.01 -17.47 -10.66
N GLU B 32 20.99 -16.65 -10.93
CA GLU B 32 21.18 -15.22 -11.18
C GLU B 32 20.76 -14.31 -10.04
N LEU B 33 20.64 -14.86 -8.83
CA LEU B 33 20.33 -14.05 -7.65
C LEU B 33 21.10 -14.64 -6.48
N ILE B 34 22.09 -13.92 -5.98
CA ILE B 34 22.87 -14.41 -4.83
C ILE B 34 21.89 -14.75 -3.73
N GLY B 35 21.97 -16.01 -3.29
CA GLY B 35 20.99 -16.63 -2.39
C GLY B 35 20.11 -15.72 -1.56
N LEU B 36 18.84 -15.65 -1.94
CA LEU B 36 17.81 -15.10 -1.08
C LEU B 36 16.65 -16.10 -1.10
N LYS B 37 16.95 -17.30 -0.59
CA LYS B 37 16.06 -18.45 -0.61
C LYS B 37 14.63 -18.13 -0.16
N PRO B 38 14.47 -17.37 0.96
CA PRO B 38 13.16 -16.81 1.31
C PRO B 38 12.34 -16.34 0.09
N VAL B 39 12.84 -15.35 -0.64
CA VAL B 39 12.14 -14.83 -1.82
C VAL B 39 11.96 -15.91 -2.88
N LYS B 40 13.06 -16.56 -3.25
CA LYS B 40 13.05 -17.59 -4.30
C LYS B 40 12.00 -18.68 -4.09
N ASP B 41 11.76 -19.04 -2.83
CA ASP B 41 10.71 -20.02 -2.50
C ASP B 41 9.32 -19.43 -2.76
N ARG B 42 9.16 -18.14 -2.43
CA ARG B 42 7.92 -17.42 -2.65
C ARG B 42 7.59 -17.32 -4.13
N ILE B 43 8.64 -17.21 -4.95
CA ILE B 43 8.48 -17.18 -6.41
C ILE B 43 8.26 -18.58 -6.96
N ARG B 44 8.90 -19.57 -6.32
CA ARG B 44 8.65 -20.98 -6.63
C ARG B 44 7.16 -21.26 -6.41
N GLU B 45 6.64 -20.79 -5.27
CA GLU B 45 5.26 -21.03 -4.89
C GLU B 45 4.27 -20.33 -5.82
N THR B 46 4.53 -19.07 -6.13
CA THR B 46 3.68 -18.33 -7.07
C THR B 46 3.67 -19.01 -8.43
N ALA B 47 4.81 -19.60 -8.82
CA ALA B 47 4.91 -20.31 -10.08
C ALA B 47 3.91 -21.45 -10.08
N ALA B 48 3.86 -22.19 -8.97
CA ALA B 48 2.94 -23.31 -8.79
C ALA B 48 1.49 -22.89 -8.98
N LEU B 49 1.09 -21.81 -8.31
CA LEU B 49 -0.26 -21.25 -8.44
C LEU B 49 -0.55 -20.79 -9.86
N LEU B 50 0.41 -20.05 -10.43
CA LEU B 50 0.31 -19.61 -11.82
C LEU B 50 0.14 -20.80 -12.77
N LEU B 51 0.81 -21.89 -12.45
CA LEU B 51 0.68 -23.13 -13.20
C LEU B 51 -0.75 -23.64 -13.09
N VAL B 52 -1.19 -23.87 -11.86
CA VAL B 52 -2.51 -24.43 -11.56
C VAL B 52 -3.65 -23.59 -12.16
N GLU B 53 -3.67 -22.30 -11.83
CA GLU B 53 -4.63 -21.37 -12.44
C GLU B 53 -4.72 -21.54 -13.95
N ARG B 54 -3.57 -21.72 -14.63
CA ARG B 54 -3.51 -21.92 -16.09
C ARG B 54 -4.18 -23.24 -16.49
N ALA B 55 -3.84 -24.30 -15.79
CA ALA B 55 -4.46 -25.61 -16.01
C ALA B 55 -5.96 -25.56 -15.77
N ARG B 56 -6.39 -24.69 -14.87
CA ARG B 56 -7.81 -24.47 -14.59
C ARG B 56 -8.48 -23.69 -15.73
N GLN B 57 -7.76 -22.69 -16.25
CA GLN B 57 -8.25 -21.92 -17.39
C GLN B 57 -8.34 -22.80 -18.65
N LYS B 58 -7.50 -23.82 -18.71
CA LYS B 58 -7.50 -24.76 -19.84
C LYS B 58 -8.58 -25.83 -19.73
N LEU B 59 -9.40 -25.77 -18.68
CA LEU B 59 -10.53 -26.70 -18.53
C LEU B 59 -11.85 -25.92 -18.37
N GLY B 60 -11.82 -24.65 -18.75
CA GLY B 60 -13.01 -23.80 -18.73
C GLY B 60 -13.52 -23.56 -17.33
N LEU B 61 -12.73 -22.85 -16.54
CA LEU B 61 -13.10 -22.39 -15.20
C LEU B 61 -12.54 -21.00 -14.95
N THR B 65 -10.04 -15.10 -18.89
CA THR B 65 -9.31 -14.02 -18.23
C THR B 65 -8.90 -14.38 -16.79
N PRO B 66 -7.58 -14.31 -16.51
CA PRO B 66 -7.04 -14.48 -15.15
C PRO B 66 -7.06 -13.16 -14.36
N THR B 67 -6.08 -12.95 -13.49
CA THR B 67 -5.93 -11.70 -12.73
C THR B 67 -4.50 -11.64 -12.17
N LEU B 68 -3.67 -10.79 -12.76
CA LEU B 68 -2.22 -11.04 -12.71
C LEU B 68 -1.33 -10.05 -11.98
N HIS B 69 -1.79 -8.81 -11.83
CA HIS B 69 -0.91 -7.73 -11.37
C HIS B 69 -0.36 -8.01 -9.99
N MET B 70 0.83 -7.48 -9.74
CA MET B 70 1.52 -7.77 -8.50
C MET B 70 2.27 -6.58 -7.93
N SER B 71 2.59 -6.68 -6.65
CA SER B 71 3.35 -5.65 -5.97
C SER B 71 4.59 -6.25 -5.33
N PHE B 72 5.73 -5.59 -5.52
CA PHE B 72 6.97 -6.07 -4.96
C PHE B 72 7.44 -5.05 -3.94
N THR B 73 7.45 -5.43 -2.67
CA THR B 73 7.84 -4.50 -1.61
C THR B 73 9.07 -4.95 -0.82
N GLY B 74 9.92 -3.99 -0.51
CA GLY B 74 11.13 -4.24 0.23
C GLY B 74 12.11 -3.11 0.04
N ASN B 75 13.34 -3.34 0.51
CA ASN B 75 14.40 -2.35 0.40
C ASN B 75 15.16 -2.43 -0.91
N PRO B 76 15.93 -1.38 -1.23
CA PRO B 76 16.89 -1.51 -2.32
C PRO B 76 17.83 -2.71 -2.10
N GLY B 77 17.99 -3.52 -3.13
CA GLY B 77 19.00 -4.58 -3.13
C GLY B 77 18.49 -5.88 -2.59
N THR B 78 17.24 -6.21 -2.90
CA THR B 78 16.63 -7.45 -2.42
C THR B 78 16.16 -8.33 -3.56
N GLY B 79 16.41 -7.89 -4.79
CA GLY B 79 16.11 -8.70 -5.96
C GLY B 79 14.80 -8.38 -6.68
N LYS B 80 14.21 -7.23 -6.38
CA LYS B 80 12.93 -6.83 -6.98
C LYS B 80 13.00 -6.83 -8.49
N THR B 81 13.99 -6.13 -9.05
CA THR B 81 14.11 -6.01 -10.51
C THR B 81 14.47 -7.35 -11.15
N THR B 82 15.51 -8.00 -10.64
CA THR B 82 15.94 -9.25 -11.22
C THR B 82 14.92 -10.41 -11.07
N VAL B 83 14.04 -10.32 -10.09
CA VAL B 83 12.91 -11.26 -9.99
C VAL B 83 11.82 -10.88 -10.98
N ALA B 84 11.60 -9.58 -11.14
CA ALA B 84 10.55 -9.08 -12.02
C ALA B 84 10.83 -9.52 -13.45
N LEU B 85 12.12 -9.49 -13.81
CA LEU B 85 12.55 -9.90 -15.14
C LEU B 85 12.20 -11.36 -15.37
N LYS B 86 12.48 -12.18 -14.37
CA LYS B 86 12.20 -13.60 -14.42
C LYS B 86 10.72 -13.88 -14.43
N MET B 87 9.95 -13.01 -13.77
CA MET B 87 8.50 -13.12 -13.77
C MET B 87 7.98 -13.00 -15.19
N ALA B 88 8.38 -11.93 -15.88
CA ALA B 88 8.02 -11.70 -17.28
C ALA B 88 8.34 -12.94 -18.11
N GLY B 89 9.48 -13.56 -17.81
CA GLY B 89 9.84 -14.84 -18.41
C GLY B 89 8.78 -15.86 -18.09
N LEU B 90 8.68 -16.21 -16.81
CA LEU B 90 7.72 -17.19 -16.33
C LEU B 90 6.33 -16.97 -16.91
N LEU B 91 5.85 -15.74 -16.84
CA LEU B 91 4.53 -15.39 -17.38
C LEU B 91 4.41 -15.65 -18.88
N HIS B 92 5.48 -15.42 -19.63
CA HIS B 92 5.48 -15.69 -21.06
C HIS B 92 5.50 -17.18 -21.31
N ARG B 93 6.19 -17.93 -20.44
CA ARG B 93 6.24 -19.38 -20.56
C ARG B 93 4.94 -20.10 -20.15
N LEU B 94 4.08 -19.43 -19.40
CA LEU B 94 2.83 -20.06 -18.99
C LEU B 94 1.66 -19.49 -19.79
N GLY B 95 1.98 -18.86 -20.93
CA GLY B 95 0.98 -18.34 -21.84
C GLY B 95 0.08 -17.26 -21.28
N TYR B 96 0.53 -16.54 -20.27
CA TYR B 96 -0.24 -15.43 -19.71
C TYR B 96 0.07 -14.16 -20.48
N VAL B 97 1.30 -14.11 -20.98
CA VAL B 97 1.81 -12.93 -21.67
C VAL B 97 2.33 -13.35 -23.08
N ARG B 98 2.11 -12.48 -24.07
CA ARG B 98 2.45 -12.82 -25.46
C ARG B 98 3.95 -12.67 -25.78
N LYS B 99 4.50 -11.46 -25.58
CA LYS B 99 5.93 -11.20 -25.74
C LYS B 99 6.53 -11.01 -24.34
N GLY B 100 7.16 -12.04 -23.80
CA GLY B 100 7.63 -11.99 -22.40
C GLY B 100 8.77 -11.02 -22.12
N HIS B 101 8.46 -9.72 -22.12
CA HIS B 101 9.47 -8.68 -21.99
C HIS B 101 9.10 -7.65 -20.95
N LEU B 102 10.11 -7.16 -20.25
CA LEU B 102 9.88 -6.30 -19.10
C LEU B 102 10.23 -4.87 -19.43
N VAL B 103 9.25 -3.98 -19.28
CA VAL B 103 9.42 -2.55 -19.47
C VAL B 103 9.49 -1.92 -18.09
N SER B 104 10.68 -1.47 -17.71
CA SER B 104 10.95 -0.88 -16.39
C SER B 104 10.98 0.63 -16.46
N VAL B 105 10.17 1.27 -15.62
CA VAL B 105 9.89 2.69 -15.72
C VAL B 105 9.81 3.29 -14.31
N THR B 106 10.19 4.56 -14.17
CA THR B 106 9.93 5.31 -12.93
C THR B 106 8.77 6.28 -13.17
N ARG B 107 8.48 7.12 -12.19
CA ARG B 107 7.38 8.08 -12.32
C ARG B 107 7.71 9.15 -13.36
N ASP B 108 9.01 9.40 -13.54
CA ASP B 108 9.48 10.39 -14.51
C ASP B 108 9.42 9.93 -15.97
N ASP B 109 8.89 8.74 -16.20
CA ASP B 109 8.66 8.25 -17.57
C ASP B 109 7.18 8.28 -17.94
N LEU B 110 6.33 8.57 -16.96
CA LEU B 110 4.88 8.53 -17.14
C LEU B 110 4.22 9.89 -17.02
N VAL B 111 4.83 10.77 -16.22
CA VAL B 111 4.28 12.09 -15.95
C VAL B 111 5.15 13.15 -16.61
N GLY B 112 4.53 14.01 -17.41
CA GLY B 112 5.21 15.11 -18.07
C GLY B 112 4.95 16.41 -17.35
N GLN B 113 5.90 17.34 -17.45
CA GLN B 113 5.78 18.65 -16.80
C GLN B 113 4.59 19.44 -17.34
N TYR B 114 4.49 19.57 -18.66
CA TYR B 114 3.43 20.34 -19.33
C TYR B 114 2.01 19.82 -19.05
N ILE B 115 1.06 20.75 -19.06
CA ILE B 115 -0.34 20.46 -18.72
C ILE B 115 -1.09 19.73 -19.85
N GLY B 116 -0.99 18.41 -19.85
CA GLY B 116 -1.66 17.59 -20.86
C GLY B 116 -0.70 16.69 -21.61
N HIS B 117 0.59 16.87 -21.35
CA HIS B 117 1.65 16.04 -21.95
C HIS B 117 2.01 14.87 -21.02
N THR B 118 0.99 14.29 -20.39
CA THR B 118 1.17 13.16 -19.48
C THR B 118 0.42 11.95 -20.03
N ALA B 119 -0.84 12.18 -20.43
CA ALA B 119 -1.72 11.16 -21.00
C ALA B 119 -1.21 10.51 -22.29
N PRO B 120 -0.59 11.28 -23.21
CA PRO B 120 0.05 10.58 -24.33
C PRO B 120 1.28 9.81 -23.89
N LYS B 121 1.98 10.31 -22.87
CA LYS B 121 3.25 9.72 -22.42
C LYS B 121 3.07 8.39 -21.68
N THR B 122 2.11 8.36 -20.74
CA THR B 122 1.71 7.13 -20.09
C THR B 122 1.25 6.12 -21.13
N LYS B 123 0.32 6.55 -22.00
CA LYS B 123 -0.27 5.72 -23.06
C LYS B 123 0.76 5.08 -24.00
N GLU B 124 1.76 5.85 -24.40
CA GLU B 124 2.80 5.35 -25.30
C GLU B 124 3.73 4.37 -24.58
N VAL B 125 4.09 4.69 -23.34
CA VAL B 125 4.85 3.76 -22.51
C VAL B 125 4.09 2.43 -22.42
N LEU B 126 2.78 2.55 -22.18
CA LEU B 126 1.88 1.39 -22.13
C LEU B 126 1.88 0.59 -23.43
N LYS B 127 1.91 1.30 -24.56
CA LYS B 127 1.99 0.65 -25.87
C LYS B 127 3.25 -0.21 -25.94
N ARG B 128 4.37 0.34 -25.46
CA ARG B 128 5.62 -0.39 -25.43
C ARG B 128 5.55 -1.58 -24.46
N ALA B 129 4.70 -1.46 -23.45
CA ALA B 129 4.56 -2.49 -22.43
C ALA B 129 3.73 -3.68 -22.90
N MET B 130 2.82 -3.44 -23.85
CA MET B 130 1.82 -4.43 -24.27
C MET B 130 2.40 -5.77 -24.71
N GLY B 131 1.76 -6.84 -24.27
CA GLY B 131 2.24 -8.20 -24.52
C GLY B 131 3.30 -8.65 -23.52
N GLY B 132 3.64 -7.78 -22.57
CA GLY B 132 4.65 -8.06 -21.56
C GLY B 132 4.34 -7.46 -20.19
N VAL B 133 5.37 -7.14 -19.43
CA VAL B 133 5.19 -6.58 -18.08
C VAL B 133 5.72 -5.15 -17.97
N LEU B 134 4.86 -4.26 -17.47
CA LEU B 134 5.27 -2.92 -17.07
C LEU B 134 5.68 -2.94 -15.60
N PHE B 135 6.82 -2.32 -15.30
CA PHE B 135 7.39 -2.36 -13.96
C PHE B 135 7.61 -0.96 -13.41
N ILE B 136 6.68 -0.51 -12.57
CA ILE B 136 6.75 0.83 -12.01
C ILE B 136 7.50 0.83 -10.68
N ASP B 137 8.76 1.22 -10.73
CA ASP B 137 9.60 1.35 -9.55
C ASP B 137 9.14 2.54 -8.70
N GLU B 138 9.11 2.35 -7.38
CA GLU B 138 8.63 3.39 -6.43
C GLU B 138 7.35 4.09 -6.89
N ALA B 139 6.39 3.29 -7.37
CA ALA B 139 5.17 3.78 -7.99
C ALA B 139 4.47 4.89 -7.22
N TYR B 140 4.52 4.82 -5.90
CA TYR B 140 3.86 5.81 -5.04
C TYR B 140 4.26 7.26 -5.32
N TYR B 141 5.29 7.46 -6.14
CA TYR B 141 5.72 8.80 -6.50
C TYR B 141 4.84 9.43 -7.57
N LEU B 142 3.96 8.62 -8.16
CA LEU B 142 2.96 9.13 -9.09
C LEU B 142 1.92 9.98 -8.36
N TYR B 143 1.68 9.69 -7.09
CA TYR B 143 0.77 10.47 -6.27
C TYR B 143 1.53 11.54 -5.49
N ARG B 144 1.69 12.71 -6.10
CA ARG B 144 2.32 13.84 -5.40
C ARG B 144 1.36 15.06 -5.27
N PRO B 145 0.39 14.99 -4.33
CA PRO B 145 -0.43 16.17 -4.04
C PRO B 145 0.32 17.14 -3.16
N ASP B 146 1.54 16.75 -2.77
CA ASP B 146 2.48 17.63 -2.11
C ASP B 146 2.86 18.74 -3.07
N ASN B 147 3.09 18.37 -4.34
CA ASN B 147 3.46 19.29 -5.40
C ASN B 147 2.25 19.79 -6.19
N GLU B 148 2.28 21.08 -6.53
CA GLU B 148 1.39 21.63 -7.54
C GLU B 148 2.13 21.58 -8.88
N ARG B 149 1.36 21.52 -9.97
CA ARG B 149 1.90 21.45 -11.34
C ARG B 149 2.59 20.11 -11.68
N ASP B 150 2.56 19.14 -10.75
CA ASP B 150 2.87 17.75 -11.06
C ASP B 150 1.55 17.09 -11.47
N TYR B 151 1.51 16.48 -12.65
CA TYR B 151 0.27 15.94 -13.20
C TYR B 151 0.15 14.42 -13.11
N GLY B 152 0.68 13.88 -12.01
CA GLY B 152 0.74 12.44 -11.78
C GLY B 152 -0.58 11.71 -11.56
N GLN B 153 -1.63 12.43 -11.18
CA GLN B 153 -2.94 11.83 -10.93
C GLN B 153 -3.59 11.27 -12.22
N GLU B 154 -3.27 11.89 -13.35
CA GLU B 154 -3.75 11.43 -14.66
C GLU B 154 -3.13 10.08 -15.03
N ALA B 155 -1.84 9.94 -14.73
CA ALA B 155 -1.11 8.70 -14.93
C ALA B 155 -1.69 7.57 -14.08
N ILE B 156 -2.07 7.91 -12.85
CA ILE B 156 -2.77 6.98 -11.99
C ILE B 156 -4.08 6.56 -12.64
N GLU B 157 -4.89 7.54 -13.04
CA GLU B 157 -6.17 7.26 -13.69
C GLU B 157 -6.03 6.31 -14.88
N ILE B 158 -5.10 6.63 -15.79
CA ILE B 158 -4.88 5.80 -16.96
C ILE B 158 -4.36 4.41 -16.58
N LEU B 159 -3.46 4.36 -15.59
CA LEU B 159 -2.93 3.11 -15.08
C LEU B 159 -4.05 2.25 -14.51
N LEU B 160 -4.82 2.83 -13.61
CA LEU B 160 -5.89 2.14 -12.90
C LEU B 160 -6.91 1.59 -13.87
N GLN B 161 -7.28 2.40 -14.87
CA GLN B 161 -8.25 2.00 -15.89
C GLN B 161 -7.75 0.79 -16.68
N VAL B 162 -6.45 0.78 -16.97
CA VAL B 162 -5.83 -0.31 -17.73
C VAL B 162 -5.83 -1.64 -16.95
N MET B 163 -5.55 -1.55 -15.65
CA MET B 163 -5.46 -2.73 -14.78
C MET B 163 -6.79 -3.47 -14.57
N GLU B 164 -7.91 -2.79 -14.84
CA GLU B 164 -9.23 -3.40 -14.79
C GLU B 164 -9.70 -3.80 -16.19
N ASN B 165 -9.77 -2.83 -17.10
CA ASN B 165 -10.31 -3.04 -18.45
C ASN B 165 -9.42 -3.87 -19.39
N ASN B 166 -8.41 -3.24 -19.99
CA ASN B 166 -7.54 -3.87 -20.99
C ASN B 166 -6.58 -4.94 -20.42
N ARG B 167 -7.14 -6.04 -19.95
CA ARG B 167 -6.43 -7.00 -19.11
C ARG B 167 -5.46 -7.95 -19.84
N ASP B 168 -6.02 -8.81 -20.70
CA ASP B 168 -5.31 -9.97 -21.26
C ASP B 168 -4.04 -9.66 -22.08
N ASP B 169 -3.67 -8.40 -22.15
CA ASP B 169 -2.48 -8.00 -22.90
C ASP B 169 -1.50 -7.11 -22.10
N LEU B 170 -1.48 -7.28 -20.78
CA LEU B 170 -0.56 -6.53 -19.89
C LEU B 170 -0.58 -6.93 -18.41
N VAL B 171 0.62 -7.00 -17.83
CA VAL B 171 0.80 -7.21 -16.40
C VAL B 171 1.59 -6.03 -15.81
N VAL B 172 1.16 -5.55 -14.66
CA VAL B 172 1.79 -4.40 -13.99
C VAL B 172 2.42 -4.85 -12.68
N ILE B 173 3.66 -4.41 -12.43
CA ILE B 173 4.30 -4.64 -11.15
C ILE B 173 4.73 -3.32 -10.51
N LEU B 174 4.05 -2.96 -9.43
CA LEU B 174 4.44 -1.80 -8.63
C LEU B 174 5.47 -2.29 -7.66
N ALA B 175 6.50 -1.49 -7.42
CA ALA B 175 7.58 -1.92 -6.52
C ALA B 175 8.15 -0.79 -5.69
N GLY B 176 8.83 -1.15 -4.62
CA GLY B 176 9.47 -0.16 -3.75
C GLY B 176 9.28 -0.45 -2.29
N TYR B 177 9.61 0.53 -1.46
CA TYR B 177 9.45 0.43 -0.02
C TYR B 177 8.00 0.13 0.35
N ALA B 178 7.81 -0.73 1.35
CA ALA B 178 6.48 -1.16 1.78
C ALA B 178 5.71 -0.08 2.54
N ASP B 179 6.36 0.60 3.48
CA ASP B 179 5.67 1.65 4.20
C ASP B 179 5.03 2.64 3.20
N ARG B 180 5.78 3.02 2.16
CA ARG B 180 5.32 3.98 1.17
C ARG B 180 4.26 3.41 0.22
N MET B 181 4.33 2.10 -0.04
CA MET B 181 3.36 1.45 -0.90
C MET B 181 2.00 1.34 -0.25
N GLU B 182 1.98 0.95 1.03
CA GLU B 182 0.73 0.73 1.75
C GLU B 182 -0.03 2.03 1.95
N ASN B 183 0.73 3.12 2.16
CA ASN B 183 0.18 4.48 2.19
C ASN B 183 -0.44 4.89 0.87
N PHE B 184 0.19 4.44 -0.22
CA PHE B 184 -0.23 4.78 -1.58
C PHE B 184 -1.58 4.13 -1.91
N PHE B 185 -1.79 2.93 -1.35
CA PHE B 185 -3.05 2.22 -1.48
C PHE B 185 -4.16 2.86 -0.64
N GLN B 186 -3.82 3.41 0.52
CA GLN B 186 -4.77 4.14 1.35
C GLN B 186 -5.40 5.25 0.53
N SER B 187 -4.52 6.05 -0.06
CA SER B 187 -4.88 7.24 -0.80
C SER B 187 -5.47 6.91 -2.16
N ASN B 188 -4.96 5.85 -2.78
CA ASN B 188 -5.48 5.39 -4.06
C ASN B 188 -5.97 3.97 -3.94
N PRO B 189 -7.21 3.79 -3.43
CA PRO B 189 -7.71 2.41 -3.35
C PRO B 189 -8.14 1.92 -4.74
N GLY B 190 -8.43 0.63 -4.85
CA GLY B 190 -8.78 0.06 -6.13
C GLY B 190 -7.55 -0.59 -6.74
N PHE B 191 -6.39 -0.31 -6.14
CA PHE B 191 -5.15 -1.02 -6.48
C PHE B 191 -5.04 -2.33 -5.71
N ARG B 192 -5.42 -2.30 -4.42
CA ARG B 192 -5.38 -3.50 -3.58
C ARG B 192 -6.14 -4.67 -4.20
N SER B 193 -7.29 -4.36 -4.78
CA SER B 193 -8.14 -5.37 -5.41
C SER B 193 -7.58 -5.80 -6.76
N ARG B 194 -6.69 -4.98 -7.33
CA ARG B 194 -6.14 -5.24 -8.65
C ARG B 194 -4.81 -5.95 -8.61
N ILE B 195 -4.15 -5.89 -7.46
CA ILE B 195 -2.95 -6.68 -7.23
C ILE B 195 -3.34 -8.00 -6.61
N ALA B 196 -3.03 -9.08 -7.32
CA ALA B 196 -3.36 -10.43 -6.89
C ALA B 196 -2.17 -11.03 -6.17
N HIS B 197 -0.99 -10.45 -6.39
CA HIS B 197 0.25 -10.99 -5.83
C HIS B 197 1.05 -9.94 -5.06
N HIS B 198 0.97 -9.99 -3.73
CA HIS B 198 1.83 -9.17 -2.89
C HIS B 198 3.04 -10.00 -2.51
N ILE B 199 4.21 -9.60 -3.01
CA ILE B 199 5.44 -10.30 -2.68
C ILE B 199 6.31 -9.38 -1.85
N GLU B 200 6.68 -9.85 -0.67
CA GLU B 200 7.59 -9.13 0.21
C GLU B 200 9.02 -9.57 -0.07
N PHE B 201 9.90 -8.60 -0.23
CA PHE B 201 11.30 -8.88 -0.44
C PHE B 201 12.06 -8.49 0.83
N PRO B 202 12.46 -9.47 1.63
CA PRO B 202 13.16 -9.13 2.87
C PRO B 202 14.64 -8.91 2.58
N ASP B 203 15.37 -8.31 3.53
CA ASP B 203 16.81 -8.11 3.39
C ASP B 203 17.56 -9.44 3.41
N TYR B 204 18.87 -9.37 3.16
CA TYR B 204 19.79 -10.49 3.38
C TYR B 204 19.96 -10.70 4.88
N SER B 205 20.13 -11.94 5.29
CA SER B 205 20.40 -12.23 6.69
C SER B 205 21.78 -11.69 7.03
N ASP B 206 21.98 -11.36 8.31
CA ASP B 206 23.26 -10.86 8.79
C ASP B 206 24.46 -11.66 8.27
N GLU B 207 24.42 -12.99 8.45
CA GLU B 207 25.51 -13.85 7.99
C GLU B 207 25.80 -13.62 6.50
N GLU B 208 24.75 -13.49 5.69
CA GLU B 208 24.92 -13.25 4.25
C GLU B 208 25.56 -11.91 3.93
N LEU B 209 25.05 -10.84 4.56
CA LEU B 209 25.65 -9.52 4.48
C LEU B 209 27.13 -9.52 4.84
N PHE B 210 27.48 -10.34 5.83
CA PHE B 210 28.85 -10.47 6.30
C PHE B 210 29.69 -11.23 5.29
N GLU B 211 29.08 -12.25 4.68
CA GLU B 211 29.77 -13.00 3.65
C GLU B 211 30.10 -12.07 2.49
N ILE B 212 29.09 -11.30 2.07
CA ILE B 212 29.24 -10.29 1.04
C ILE B 212 30.39 -9.34 1.37
N ALA B 213 30.32 -8.71 2.54
CA ALA B 213 31.40 -7.85 3.01
C ALA B 213 32.75 -8.54 2.84
N GLY B 214 32.79 -9.84 3.13
CA GLY B 214 34.02 -10.60 3.09
C GLY B 214 34.51 -10.78 1.67
N HIS B 215 33.60 -11.12 0.77
CA HIS B 215 33.95 -11.29 -0.63
C HIS B 215 34.42 -10.00 -1.25
N MET B 216 33.68 -8.91 -1.03
CA MET B 216 34.08 -7.58 -1.47
C MET B 216 35.51 -7.28 -1.06
N LEU B 217 35.85 -7.56 0.19
CA LEU B 217 37.20 -7.29 0.67
C LEU B 217 38.26 -8.22 0.08
N ASP B 218 37.85 -9.41 -0.31
CA ASP B 218 38.80 -10.34 -0.94
C ASP B 218 39.13 -9.82 -2.31
N ASP B 219 38.09 -9.42 -3.04
CA ASP B 219 38.22 -8.88 -4.38
C ASP B 219 39.12 -7.64 -4.45
N GLN B 220 39.20 -6.91 -3.33
CA GLN B 220 40.04 -5.71 -3.23
C GLN B 220 41.38 -5.95 -2.54
N ASN B 221 41.66 -7.18 -2.14
CA ASN B 221 42.81 -7.48 -1.29
C ASN B 221 42.87 -6.63 -0.04
N TYR B 222 41.84 -6.77 0.80
CA TYR B 222 41.87 -6.25 2.16
C TYR B 222 41.40 -7.37 3.07
N GLN B 223 42.00 -7.44 4.25
CA GLN B 223 41.58 -8.36 5.29
C GLN B 223 41.11 -7.56 6.51
N MET B 224 40.24 -8.15 7.31
CA MET B 224 39.86 -7.54 8.59
C MET B 224 40.58 -8.24 9.74
N THR B 225 40.79 -7.54 10.85
CA THR B 225 41.28 -8.20 12.06
C THR B 225 40.05 -8.77 12.72
N PRO B 226 40.18 -9.95 13.36
CA PRO B 226 39.05 -10.54 14.07
C PRO B 226 38.17 -9.51 14.83
N GLU B 227 38.81 -8.58 15.56
CA GLU B 227 38.13 -7.50 16.25
C GLU B 227 37.25 -6.67 15.33
N ALA B 228 37.75 -6.42 14.12
CA ALA B 228 37.02 -5.63 13.14
C ALA B 228 35.86 -6.42 12.56
N GLU B 229 36.01 -7.75 12.44
CA GLU B 229 34.92 -8.60 11.96
C GLU B 229 33.73 -8.46 12.88
N THR B 230 33.96 -8.60 14.17
CA THR B 230 32.87 -8.48 15.13
C THR B 230 32.33 -7.05 15.10
N ALA B 231 33.22 -6.09 14.86
CA ALA B 231 32.81 -4.69 14.69
C ALA B 231 31.84 -4.49 13.51
N LEU B 232 32.00 -5.28 12.46
CA LEU B 232 31.16 -5.20 11.27
C LEU B 232 29.82 -5.84 11.55
N ARG B 233 29.85 -6.97 12.25
CA ARG B 233 28.63 -7.70 12.61
C ARG B 233 27.72 -6.82 13.45
N ALA B 234 28.33 -6.08 14.36
CA ALA B 234 27.67 -5.04 15.13
C ALA B 234 27.10 -4.00 14.20
N TYR B 235 27.96 -3.51 13.31
CA TYR B 235 27.61 -2.48 12.33
C TYR B 235 26.38 -2.88 11.53
N ILE B 236 26.45 -4.06 10.92
CA ILE B 236 25.37 -4.56 10.07
C ILE B 236 24.03 -4.55 10.79
N GLY B 237 23.98 -5.18 11.97
CA GLY B 237 22.77 -5.26 12.77
C GLY B 237 22.15 -3.91 13.04
N LEU B 238 22.99 -2.92 13.31
CA LEU B 238 22.51 -1.56 13.51
C LEU B 238 22.05 -0.96 12.20
N ARG B 239 22.88 -1.08 11.16
CA ARG B 239 22.57 -0.45 9.88
C ARG B 239 21.23 -0.89 9.29
N ARG B 240 20.87 -2.15 9.47
CA ARG B 240 19.64 -2.67 8.88
C ARG B 240 18.37 -2.10 9.53
N ASN B 241 18.53 -1.48 10.68
CA ASN B 241 17.40 -0.86 11.39
C ASN B 241 17.32 0.65 11.17
N GLN B 242 18.32 1.19 10.48
CA GLN B 242 18.27 2.58 10.06
C GLN B 242 17.64 2.68 8.68
N PRO B 243 17.01 3.84 8.38
CA PRO B 243 16.29 4.04 7.10
C PRO B 243 17.15 3.81 5.84
N HIS B 244 16.47 3.52 4.73
CA HIS B 244 17.11 3.38 3.41
C HIS B 244 18.28 2.40 3.44
N PHE B 245 18.08 1.24 4.05
CA PHE B 245 19.06 0.19 4.02
C PHE B 245 19.04 -0.42 2.65
N ALA B 246 20.20 -0.48 2.01
CA ALA B 246 20.29 -0.91 0.62
C ALA B 246 21.08 -2.19 0.45
N ASN B 247 21.10 -3.00 1.52
CA ASN B 247 21.81 -4.28 1.53
C ASN B 247 23.25 -4.16 1.04
N ALA B 248 23.56 -4.85 -0.05
CA ALA B 248 24.91 -4.85 -0.63
C ALA B 248 25.51 -3.46 -0.84
N ARG B 249 24.68 -2.49 -1.25
CA ARG B 249 25.16 -1.13 -1.48
C ARG B 249 25.63 -0.53 -0.17
N SER B 250 24.82 -0.67 0.87
CA SER B 250 25.18 -0.19 2.20
C SER B 250 26.49 -0.82 2.67
N ILE B 251 26.71 -2.07 2.29
CA ILE B 251 27.95 -2.78 2.61
C ILE B 251 29.13 -2.18 1.86
N ARG B 252 29.05 -2.10 0.52
CA ARG B 252 30.09 -1.40 -0.27
C ARG B 252 30.39 -0.06 0.40
N ASN B 253 29.33 0.72 0.63
CA ASN B 253 29.45 2.06 1.19
C ASN B 253 30.17 2.10 2.53
N ALA B 254 29.91 1.12 3.39
CA ALA B 254 30.58 1.06 4.69
C ALA B 254 32.06 0.71 4.52
N LEU B 255 32.32 -0.25 3.64
CA LEU B 255 33.67 -0.68 3.32
C LEU B 255 34.49 0.41 2.63
N ASP B 256 33.85 1.15 1.73
CA ASP B 256 34.45 2.33 1.13
C ASP B 256 34.89 3.32 2.21
N ARG B 257 33.99 3.63 3.13
CA ARG B 257 34.27 4.60 4.18
C ARG B 257 35.28 4.06 5.17
N ALA B 258 35.25 2.75 5.39
CA ALA B 258 36.23 2.07 6.22
C ALA B 258 37.62 2.17 5.59
N ARG B 259 37.69 1.88 4.30
CA ARG B 259 38.93 2.00 3.51
C ARG B 259 39.50 3.41 3.58
N LEU B 260 38.63 4.40 3.45
CA LEU B 260 39.02 5.80 3.56
C LEU B 260 39.57 6.10 4.95
N ARG B 261 38.90 5.59 5.98
CA ARG B 261 39.35 5.74 7.36
C ARG B 261 40.66 4.99 7.62
N GLN B 262 40.80 3.81 7.04
CA GLN B 262 42.01 3.02 7.22
C GLN B 262 43.19 3.74 6.59
N ALA B 263 42.97 4.34 5.42
CA ALA B 263 44.01 5.09 4.73
C ALA B 263 44.48 6.26 5.56
N ASN B 264 43.54 6.98 6.15
CA ASN B 264 43.84 8.15 6.98
C ASN B 264 44.42 7.80 8.35
N ARG B 265 44.02 6.65 8.88
CA ARG B 265 44.59 6.12 10.11
C ARG B 265 46.08 5.88 9.90
N LEU B 266 46.41 5.16 8.82
CA LEU B 266 47.79 4.84 8.47
C LEU B 266 48.64 6.06 8.11
N PHE B 267 48.09 6.95 7.29
CA PHE B 267 48.81 8.13 6.90
C PHE B 267 49.16 9.02 8.09
N THR B 268 48.26 9.04 9.07
CA THR B 268 48.42 9.90 10.23
C THR B 268 49.35 9.29 11.28
N ALA B 269 49.30 7.97 11.43
CA ALA B 269 50.24 7.27 12.34
C ALA B 269 51.69 7.49 11.89
N SER B 270 52.06 6.85 10.78
CA SER B 270 53.39 6.98 10.16
C SER B 270 54.53 6.62 11.12
N SER B 271 54.50 5.37 11.61
CA SER B 271 55.62 4.82 12.41
C SER B 271 56.91 4.81 11.59
N GLY B 272 56.77 4.56 10.29
CA GLY B 272 57.88 4.51 9.36
C GLY B 272 57.43 3.76 8.11
N PRO B 273 58.25 2.80 7.65
CA PRO B 273 57.76 1.95 6.56
C PRO B 273 56.72 1.00 7.11
N LEU B 274 55.76 0.61 6.28
CA LEU B 274 54.81 -0.43 6.65
C LEU B 274 54.57 -1.38 5.48
N ASP B 275 54.20 -2.61 5.82
CA ASP B 275 54.16 -3.71 4.86
C ASP B 275 52.74 -4.03 4.41
N ALA B 276 52.62 -5.03 3.54
CA ALA B 276 51.34 -5.43 2.95
C ALA B 276 50.22 -5.68 3.96
N ARG B 277 50.54 -6.29 5.10
CA ARG B 277 49.53 -6.60 6.10
C ARG B 277 48.95 -5.31 6.67
N ALA B 278 49.82 -4.38 7.04
CA ALA B 278 49.39 -3.07 7.57
C ALA B 278 48.50 -2.31 6.58
N LEU B 279 48.81 -2.45 5.29
CA LEU B 279 48.11 -1.75 4.21
C LEU B 279 46.87 -2.49 3.73
N SER B 280 46.82 -3.80 3.96
CA SER B 280 45.68 -4.61 3.58
C SER B 280 44.65 -4.78 4.70
N THR B 281 45.01 -4.37 5.90
CA THR B 281 44.18 -4.65 7.05
C THR B 281 43.23 -3.50 7.36
N ILE B 282 41.96 -3.83 7.54
CA ILE B 282 40.99 -2.92 8.10
C ILE B 282 40.84 -3.24 9.59
N ALA B 283 41.12 -2.25 10.42
CA ALA B 283 41.10 -2.42 11.86
C ALA B 283 39.77 -1.99 12.48
N GLU B 284 39.58 -2.39 13.74
CA GLU B 284 38.38 -2.08 14.51
C GLU B 284 38.05 -0.58 14.52
N GLU B 285 39.08 0.27 14.63
CA GLU B 285 38.94 1.72 14.58
C GLU B 285 38.19 2.18 13.33
N ASP B 286 38.55 1.58 12.19
CA ASP B 286 38.06 2.04 10.89
C ASP B 286 36.56 1.85 10.73
N ILE B 287 36.01 0.86 11.42
CA ILE B 287 34.58 0.60 11.34
C ILE B 287 33.83 1.30 12.47
N ARG B 288 34.38 1.21 13.68
CA ARG B 288 33.69 1.75 14.86
C ARG B 288 33.57 3.27 14.88
N ALA B 289 34.42 3.94 14.08
CA ALA B 289 34.39 5.41 13.95
C ALA B 289 33.14 5.93 13.24
N SER B 290 32.31 5.01 12.74
CA SER B 290 31.10 5.37 12.00
C SER B 290 30.00 5.93 12.91
N ARG B 291 29.31 6.95 12.42
CA ARG B 291 28.19 7.59 13.12
C ARG B 291 27.02 6.61 13.24
N VAL B 292 27.09 5.51 12.50
CA VAL B 292 26.16 4.39 12.68
C VAL B 292 26.19 3.90 14.14
N PHE B 293 27.34 4.06 14.80
CA PHE B 293 27.48 3.69 16.21
C PHE B 293 27.09 4.83 17.16
N LYS B 294 27.05 6.05 16.64
CA LYS B 294 26.58 7.20 17.41
C LYS B 294 25.06 7.21 17.46
N GLY B 295 24.42 6.73 16.38
CA GLY B 295 22.96 6.69 16.27
C GLY B 295 22.43 6.97 14.87
N GLY B 296 23.30 7.51 14.00
CA GLY B 296 22.95 7.83 12.61
C GLY B 296 24.03 7.43 11.62
S SO4 C . -11.78 1.52 4.90
O1 SO4 C . -11.67 2.75 4.11
O2 SO4 C . -12.27 1.81 6.23
O3 SO4 C . -12.72 0.62 4.24
O4 SO4 C . -10.46 0.93 5.05
S SO4 D . -4.21 -9.98 6.61
O1 SO4 D . -4.04 -9.84 5.17
O2 SO4 D . -4.59 -8.67 7.16
O3 SO4 D . -5.27 -10.96 6.85
O4 SO4 D . -3.00 -10.46 7.25
S SO4 E . -0.12 -16.86 7.03
O1 SO4 E . 0.22 -16.65 5.62
O2 SO4 E . 0.42 -15.78 7.86
O3 SO4 E . -1.56 -16.87 7.17
O4 SO4 E . 0.47 -18.12 7.46
S SO4 F . 16.07 -4.43 -6.11
O1 SO4 F . 15.36 -3.17 -6.22
O2 SO4 F . 15.59 -5.07 -4.90
O3 SO4 F . 15.81 -5.28 -7.26
O4 SO4 F . 17.51 -4.24 -6.01
S SO4 G . 24.52 3.84 3.58
O1 SO4 G . 25.38 4.35 2.53
O2 SO4 G . 24.33 4.85 4.63
O3 SO4 G . 23.24 3.46 3.00
O4 SO4 G . 25.14 2.65 4.16
S SO4 H . 29.64 7.16 8.57
O1 SO4 H . 30.78 8.02 8.28
O2 SO4 H . 29.23 7.34 9.95
O3 SO4 H . 28.50 7.48 7.71
O4 SO4 H . 30.02 5.76 8.35
#